data_3EB6
#
_entry.id   3EB6
#
_cell.length_a   137.226
_cell.length_b   137.226
_cell.length_c   111.870
_cell.angle_alpha   90.000
_cell.angle_beta   90.000
_cell.angle_gamma   120.000
#
_symmetry.space_group_name_H-M   'P 63 2 2'
#
loop_
_entity.id
_entity.type
_entity.pdbx_description
1 polymer 'Baculoviral IAP repeat-containing protein 3'
2 polymer 'Ubiquitin-conjugating enzyme E2 D2'
3 non-polymer 'ZINC ION'
#
loop_
_entity_poly.entity_id
_entity_poly.type
_entity_poly.pdbx_seq_one_letter_code
_entity_poly.pdbx_strand_id
1 'polypeptide(L)' LGSGTTEDVSDLPVEEQLRRLQEERTCKVCMDKEVSIVFIPCGHLVVCKDCAPSLRKCPICRSTIKGTVRTFLS A
2 'polypeptide(L)'
;GSMALKRIHKELNDLARDPPAQCSAGPVGDDMFHWQATIMGPNDSPYQGGVFFLTIHFPTDYPFKPPKVAFTTRIYHPNI
NSNGSICLDILRSQWSPALTISKVLLSICSLLCDPNPDDPLVPEIARIYKTDREKYNRIAREWTQKYAM
;
B
#
loop_
_chem_comp.id
_chem_comp.type
_chem_comp.name
_chem_comp.formula
ZN non-polymer 'ZINC ION' 'Zn 2'
#
# COMPACT_ATOMS: atom_id res chain seq x y z
N ASP A 11 -0.51 17.25 19.45
CA ASP A 11 0.79 17.77 19.97
C ASP A 11 1.25 17.06 21.25
N LEU A 12 2.22 16.15 21.11
CA LEU A 12 2.82 15.47 22.26
C LEU A 12 4.34 15.71 22.28
N PRO A 13 4.89 16.06 23.48
CA PRO A 13 6.23 16.54 23.83
C PRO A 13 7.42 16.30 22.87
N VAL A 14 8.62 16.13 23.46
CA VAL A 14 9.93 16.10 22.78
C VAL A 14 9.88 16.23 21.24
N GLU A 15 9.96 15.11 20.54
CA GLU A 15 9.89 15.09 19.08
C GLU A 15 8.44 15.06 18.63
N GLU A 16 8.20 15.48 17.38
CA GLU A 16 6.86 15.56 16.79
C GLU A 16 5.95 16.56 17.50
N GLN A 17 5.41 17.53 16.76
CA GLN A 17 5.67 17.72 15.33
C GLN A 17 7.12 18.19 15.14
N LEU A 18 7.74 17.69 14.08
CA LEU A 18 9.14 17.98 13.75
C LEU A 18 9.51 16.89 12.76
N ARG A 19 9.46 15.65 13.24
CA ARG A 19 9.39 14.49 12.37
C ARG A 19 8.15 14.69 11.50
N ARG A 20 7.02 14.99 12.15
CA ARG A 20 5.73 15.16 11.47
C ARG A 20 5.62 16.47 10.72
N LEU A 21 6.14 17.54 11.32
CA LEU A 21 6.10 18.86 10.69
C LEU A 21 6.90 18.86 9.39
N GLN A 22 8.11 18.32 9.44
CA GLN A 22 8.90 18.16 8.23
C GLN A 22 8.19 17.23 7.27
N GLU A 23 7.59 16.16 7.80
CA GLU A 23 6.89 15.20 6.95
C GLU A 23 5.68 15.81 6.22
N GLU A 24 5.08 16.83 6.81
CA GLU A 24 4.01 17.55 6.14
C GLU A 24 4.57 18.46 5.04
N ARG A 25 5.84 18.82 5.17
CA ARG A 25 6.46 19.78 4.26
C ARG A 25 7.32 19.14 3.18
N THR A 26 7.58 17.82 3.29
CA THR A 26 8.41 17.13 2.28
C THR A 26 7.59 16.59 1.11
N CYS A 27 8.23 16.55 -0.06
CA CYS A 27 7.63 16.03 -1.29
C CYS A 27 6.95 14.70 -1.05
N LYS A 28 5.85 14.50 -1.75
CA LYS A 28 4.98 13.38 -1.50
C LYS A 28 5.35 12.14 -2.30
N VAL A 29 6.29 12.25 -3.25
CA VAL A 29 6.65 11.08 -4.07
C VAL A 29 8.11 10.64 -3.94
N CYS A 30 9.06 11.57 -4.07
CA CYS A 30 10.46 11.25 -3.79
C CYS A 30 10.64 11.13 -2.28
N MET A 31 9.67 11.70 -1.57
CA MET A 31 9.74 11.94 -0.13
C MET A 31 11.16 12.16 0.39
N ASP A 32 11.87 13.06 -0.26
CA ASP A 32 13.17 13.50 0.17
C ASP A 32 13.23 15.00 0.09
N LYS A 33 13.00 15.52 -1.12
CA LYS A 33 13.11 16.94 -1.37
C LYS A 33 11.86 17.65 -0.89
N GLU A 34 12.03 18.90 -0.49
CA GLU A 34 10.93 19.70 0.05
C GLU A 34 9.97 20.19 -1.04
N VAL A 35 8.66 20.15 -0.77
CA VAL A 35 7.65 20.59 -1.74
C VAL A 35 7.85 22.03 -2.16
N SER A 36 7.64 22.29 -3.45
CA SER A 36 7.96 23.58 -4.04
C SER A 36 6.96 24.02 -5.10
N ILE A 37 6.10 23.10 -5.52
CA ILE A 37 5.26 23.31 -6.70
C ILE A 37 3.76 23.21 -6.43
N VAL A 38 3.05 24.29 -6.70
CA VAL A 38 1.59 24.24 -6.71
C VAL A 38 1.12 23.73 -8.06
N PHE A 39 0.21 22.76 -8.05
CA PHE A 39 -0.37 22.27 -9.30
C PHE A 39 -1.42 23.21 -9.86
N ILE A 40 -1.47 23.27 -11.19
CA ILE A 40 -2.57 23.93 -11.90
C ILE A 40 -3.36 22.83 -12.57
N PRO A 41 -4.69 22.75 -12.30
CA PRO A 41 -5.51 23.69 -11.57
C PRO A 41 -5.82 23.26 -10.14
N CYS A 42 -5.38 22.07 -9.77
CA CYS A 42 -5.87 21.43 -8.54
C CYS A 42 -5.37 22.13 -7.27
N GLY A 43 -4.31 22.93 -7.41
CA GLY A 43 -3.89 23.80 -6.34
C GLY A 43 -3.14 23.11 -5.21
N HIS A 44 -2.77 21.86 -5.41
CA HIS A 44 -2.01 21.15 -4.40
C HIS A 44 -0.54 21.56 -4.40
N LEU A 45 -0.03 21.89 -3.23
CA LEU A 45 1.40 22.13 -3.05
C LEU A 45 1.94 20.90 -2.37
N VAL A 46 2.34 19.92 -3.17
CA VAL A 46 2.47 18.56 -2.64
C VAL A 46 3.67 17.75 -3.18
N VAL A 47 4.36 18.26 -4.20
CA VAL A 47 5.58 17.61 -4.71
C VAL A 47 6.71 18.62 -4.85
N CYS A 48 7.93 18.12 -5.00
CA CYS A 48 9.07 18.98 -5.28
C CYS A 48 9.24 19.17 -6.79
N LYS A 49 9.93 20.24 -7.16
CA LYS A 49 10.22 20.57 -8.56
C LYS A 49 10.58 19.33 -9.41
N ASP A 50 11.44 18.48 -8.88
CA ASP A 50 11.94 17.33 -9.64
C ASP A 50 10.91 16.25 -9.95
N CYS A 51 10.04 15.91 -9.00
CA CYS A 51 9.10 14.81 -9.22
C CYS A 51 8.01 15.15 -10.24
N ALA A 52 7.67 16.44 -10.33
CA ALA A 52 6.54 16.94 -11.13
C ALA A 52 6.39 16.34 -12.55
N PRO A 53 7.42 16.50 -13.41
CA PRO A 53 7.36 16.07 -14.81
C PRO A 53 6.87 14.64 -15.02
N SER A 54 7.16 13.76 -14.07
CA SER A 54 6.81 12.36 -14.24
C SER A 54 5.34 12.09 -13.97
N LEU A 55 4.59 13.13 -13.66
CA LEU A 55 3.19 12.99 -13.26
C LEU A 55 2.21 13.61 -14.24
N ARG A 56 1.11 12.91 -14.52
CA ARG A 56 0.04 13.43 -15.35
C ARG A 56 -1.08 13.98 -14.48
N LYS A 57 -1.37 13.23 -13.42
CA LYS A 57 -2.41 13.60 -12.48
C LYS A 57 -1.77 13.89 -11.15
N CYS A 58 -2.30 14.88 -10.45
CA CYS A 58 -1.91 15.14 -9.08
C CYS A 58 -2.16 13.88 -8.27
N PRO A 59 -1.15 13.45 -7.52
CA PRO A 59 -1.20 12.19 -6.79
C PRO A 59 -2.23 12.17 -5.68
N ILE A 60 -2.72 13.34 -5.28
CA ILE A 60 -3.64 13.43 -4.16
C ILE A 60 -5.08 13.28 -4.63
N CYS A 61 -5.63 14.30 -5.28
CA CYS A 61 -6.86 14.13 -6.01
C CYS A 61 -6.37 13.76 -7.39
N ARG A 62 -7.00 12.75 -7.99
CA ARG A 62 -6.51 12.30 -9.29
C ARG A 62 -6.80 13.32 -10.41
N SER A 63 -7.06 14.56 -10.01
CA SER A 63 -7.15 15.67 -10.94
C SER A 63 -5.89 15.73 -11.76
N THR A 64 -6.09 15.84 -13.06
CA THR A 64 -5.03 15.93 -14.05
C THR A 64 -4.34 17.30 -14.04
N ILE A 65 -3.01 17.28 -14.06
CA ILE A 65 -2.20 18.49 -14.00
C ILE A 65 -2.18 19.16 -15.36
N LYS A 66 -2.28 20.49 -15.37
CA LYS A 66 -2.31 21.26 -16.60
C LYS A 66 -1.29 22.40 -16.55
N GLY A 67 -0.55 22.47 -15.46
CA GLY A 67 0.42 23.53 -15.24
C GLY A 67 1.02 23.46 -13.85
N THR A 68 1.95 24.37 -13.58
CA THR A 68 2.57 24.45 -12.27
C THR A 68 2.81 25.90 -11.94
N VAL A 69 2.70 26.22 -10.66
CA VAL A 69 3.26 27.45 -10.14
C VAL A 69 4.37 27.09 -9.17
N ARG A 70 5.49 27.80 -9.30
CA ARG A 70 6.65 27.57 -8.45
C ARG A 70 6.55 28.48 -7.24
N THR A 71 6.93 27.98 -6.07
CA THR A 71 6.86 28.76 -4.83
C THR A 71 8.20 29.20 -4.32
N PHE A 72 8.24 30.45 -3.88
CA PHE A 72 9.45 31.09 -3.43
C PHE A 72 9.21 31.56 -2.01
N LEU A 73 9.67 30.73 -1.07
CA LEU A 73 9.45 30.96 0.35
C LEU A 73 10.51 31.93 0.90
N SER A 74 11.01 32.82 0.03
CA SER A 74 12.17 33.67 0.30
C SER A 74 12.00 34.63 1.49
N GLY B 1 22.18 5.71 -4.61
CA GLY B 1 21.20 5.23 -5.64
C GLY B 1 21.05 6.25 -6.76
N SER B 2 19.82 6.65 -7.06
CA SER B 2 18.61 6.16 -6.38
C SER B 2 17.60 5.58 -7.40
N MET B 3 16.41 6.15 -7.63
CA MET B 3 15.72 7.11 -6.76
C MET B 3 14.69 6.31 -5.97
N ALA B 4 14.02 5.41 -6.68
CA ALA B 4 13.22 4.36 -6.05
C ALA B 4 13.98 3.88 -4.82
N LEU B 5 15.28 3.64 -5.00
CA LEU B 5 16.16 3.21 -3.91
C LEU B 5 16.06 4.12 -2.69
N LYS B 6 16.59 5.34 -2.80
CA LYS B 6 16.55 6.27 -1.67
C LYS B 6 15.13 6.46 -1.10
N ARG B 7 14.12 6.36 -1.98
CA ARG B 7 12.72 6.36 -1.57
C ARG B 7 12.38 5.14 -0.70
N ILE B 8 12.64 3.95 -1.22
CA ILE B 8 12.33 2.70 -0.54
C ILE B 8 13.04 2.59 0.79
N HIS B 9 14.26 3.13 0.86
CA HIS B 9 14.98 3.18 2.11
C HIS B 9 14.24 3.96 3.19
N LYS B 10 13.63 5.08 2.80
CA LYS B 10 12.80 5.82 3.74
C LYS B 10 11.59 4.98 4.09
N GLU B 11 10.89 4.48 3.06
CA GLU B 11 9.73 3.60 3.23
C GLU B 11 9.97 2.64 4.39
N LEU B 12 10.98 1.81 4.20
CA LEU B 12 11.44 0.83 5.17
C LEU B 12 11.75 1.48 6.50
N ASN B 13 12.55 2.53 6.47
CA ASN B 13 12.97 3.22 7.69
C ASN B 13 11.80 3.80 8.47
N ASP B 14 10.70 4.09 7.77
CA ASP B 14 9.50 4.63 8.40
C ASP B 14 8.59 3.53 8.92
N LEU B 15 8.46 2.48 8.13
CA LEU B 15 7.70 1.31 8.52
C LEU B 15 8.24 0.72 9.83
N ALA B 16 9.48 1.03 10.17
CA ALA B 16 10.04 0.66 11.46
C ALA B 16 9.46 1.55 12.57
N ARG B 17 9.50 2.88 12.37
CA ARG B 17 8.99 3.83 13.36
C ARG B 17 7.51 3.63 13.65
N ASP B 18 6.73 3.50 12.57
CA ASP B 18 5.29 3.44 12.68
C ASP B 18 4.75 2.33 11.76
N PRO B 19 4.86 1.07 12.22
CA PRO B 19 4.43 -0.09 11.44
C PRO B 19 2.92 -0.14 11.38
N PRO B 20 2.36 -0.70 10.29
CA PRO B 20 0.92 -0.72 10.14
C PRO B 20 0.27 -1.82 10.98
N ALA B 21 -0.02 -1.48 12.23
CA ALA B 21 -0.93 -2.25 13.06
C ALA B 21 -0.69 -3.75 13.06
N GLN B 22 -1.06 -4.40 11.97
CA GLN B 22 -1.20 -5.84 11.98
C GLN B 22 0.00 -6.64 11.48
N CYS B 23 1.03 -5.96 10.99
CA CYS B 23 2.05 -6.66 10.20
C CYS B 23 3.41 -6.00 10.15
N SER B 24 4.35 -6.68 9.48
CA SER B 24 5.62 -6.09 9.10
C SER B 24 6.19 -6.70 7.82
N ALA B 25 7.04 -5.92 7.17
CA ALA B 25 7.70 -6.30 5.93
C ALA B 25 9.16 -5.89 5.94
N GLY B 26 9.86 -6.16 4.84
CA GLY B 26 11.27 -5.81 4.71
C GLY B 26 11.96 -6.49 3.54
N PRO B 27 13.21 -6.10 3.27
CA PRO B 27 13.97 -6.73 2.20
C PRO B 27 14.28 -8.17 2.59
N VAL B 28 14.33 -9.05 1.60
CA VAL B 28 14.69 -10.43 1.84
C VAL B 28 16.22 -10.53 1.81
N GLY B 29 16.81 -10.19 0.66
CA GLY B 29 18.26 -10.13 0.52
C GLY B 29 18.69 -8.68 0.57
N ASP B 30 19.84 -8.38 -0.04
CA ASP B 30 20.30 -7.01 -0.17
C ASP B 30 19.58 -6.31 -1.33
N ASP B 31 18.90 -7.12 -2.16
CA ASP B 31 18.01 -6.60 -3.19
C ASP B 31 16.83 -5.92 -2.52
N MET B 32 16.92 -4.59 -2.43
CA MET B 32 15.91 -3.77 -1.80
C MET B 32 14.58 -3.79 -2.54
N PHE B 33 14.58 -4.34 -3.74
CA PHE B 33 13.39 -4.33 -4.59
C PHE B 33 12.53 -5.58 -4.42
N HIS B 34 13.11 -6.60 -3.79
CA HIS B 34 12.41 -7.83 -3.47
C HIS B 34 12.14 -7.90 -1.97
N TRP B 35 10.88 -7.70 -1.61
CA TRP B 35 10.49 -7.65 -0.21
C TRP B 35 9.59 -8.80 0.18
N GLN B 36 9.59 -9.13 1.46
CA GLN B 36 8.64 -10.09 1.99
C GLN B 36 7.91 -9.47 3.16
N ALA B 37 6.59 -9.48 3.08
CA ALA B 37 5.74 -9.03 4.18
C ALA B 37 5.18 -10.24 4.91
N THR B 38 5.02 -10.11 6.21
CA THR B 38 4.25 -11.08 6.96
C THR B 38 3.07 -10.32 7.56
N ILE B 39 1.87 -10.81 7.29
CA ILE B 39 0.65 -10.16 7.76
C ILE B 39 -0.06 -11.07 8.75
N MET B 40 -0.43 -10.51 9.89
CA MET B 40 -0.86 -11.30 11.03
C MET B 40 -2.39 -11.33 11.12
N GLY B 41 -2.99 -12.25 10.35
CA GLY B 41 -4.45 -12.41 10.26
C GLY B 41 -5.28 -11.61 11.26
N PRO B 42 -6.02 -10.58 10.76
CA PRO B 42 -6.66 -9.57 11.61
C PRO B 42 -7.84 -10.10 12.42
N ASN B 43 -7.90 -9.69 13.69
CA ASN B 43 -9.02 -10.05 14.57
C ASN B 43 -10.35 -9.53 14.04
N ASP B 44 -11.40 -10.32 14.23
CA ASP B 44 -12.72 -10.07 13.64
C ASP B 44 -12.68 -9.94 12.12
N SER B 45 -11.87 -10.81 11.53
CA SER B 45 -12.06 -11.29 10.19
C SER B 45 -12.16 -12.79 10.44
N PRO B 46 -12.56 -13.58 9.44
CA PRO B 46 -12.50 -15.02 9.67
C PRO B 46 -11.09 -15.59 9.46
N TYR B 47 -10.09 -14.72 9.53
CA TYR B 47 -8.70 -15.13 9.34
C TYR B 47 -7.87 -14.94 10.59
N GLN B 48 -8.50 -14.44 11.65
CA GLN B 48 -7.80 -14.18 12.91
C GLN B 48 -7.12 -15.43 13.40
N GLY B 49 -6.00 -15.26 14.09
CA GLY B 49 -5.20 -16.40 14.51
C GLY B 49 -4.10 -16.67 13.51
N GLY B 50 -4.45 -17.28 12.39
CA GLY B 50 -3.46 -17.61 11.37
C GLY B 50 -2.57 -16.46 10.94
N VAL B 51 -1.37 -16.81 10.46
CA VAL B 51 -0.40 -15.84 9.96
C VAL B 51 -0.26 -16.00 8.45
N PHE B 52 -0.12 -14.88 7.74
CA PHE B 52 -0.01 -14.88 6.28
C PHE B 52 1.24 -14.17 5.75
N PHE B 53 1.84 -14.72 4.71
CA PHE B 53 3.06 -14.17 4.14
C PHE B 53 2.84 -13.73 2.71
N LEU B 54 3.32 -12.54 2.40
CA LEU B 54 3.15 -11.97 1.08
C LEU B 54 4.49 -11.60 0.47
N THR B 55 4.51 -11.57 -0.85
CA THR B 55 5.71 -11.20 -1.54
C THR B 55 5.54 -9.85 -2.24
N ILE B 56 6.46 -8.95 -1.94
CA ILE B 56 6.48 -7.63 -2.53
C ILE B 56 7.64 -7.50 -3.50
N HIS B 57 7.34 -6.93 -4.67
CA HIS B 57 8.35 -6.68 -5.68
C HIS B 57 8.15 -5.29 -6.25
N PHE B 58 9.10 -4.41 -5.96
CA PHE B 58 9.05 -3.04 -6.45
C PHE B 58 9.52 -2.96 -7.88
N PRO B 59 8.77 -2.27 -8.75
CA PRO B 59 9.24 -2.02 -10.09
C PRO B 59 10.42 -1.06 -10.04
N THR B 60 11.27 -1.08 -11.07
CA THR B 60 12.48 -0.27 -11.11
C THR B 60 12.16 1.22 -11.16
N ASP B 61 10.95 1.54 -11.62
CA ASP B 61 10.47 2.92 -11.71
C ASP B 61 9.33 3.19 -10.73
N TYR B 62 9.30 2.43 -9.64
CA TYR B 62 8.52 2.75 -8.45
C TYR B 62 9.02 4.12 -7.97
N PRO B 63 8.13 5.02 -7.49
CA PRO B 63 6.73 4.88 -7.11
C PRO B 63 5.71 5.11 -8.21
N PHE B 64 6.16 5.34 -9.43
CA PHE B 64 5.25 5.69 -10.51
C PHE B 64 4.47 4.50 -11.02
N LYS B 65 5.03 3.31 -10.85
CA LYS B 65 4.30 2.07 -11.06
C LYS B 65 4.09 1.40 -9.71
N PRO B 66 2.94 0.71 -9.54
CA PRO B 66 2.61 -0.01 -8.30
C PRO B 66 3.47 -1.26 -8.11
N PRO B 67 3.75 -1.63 -6.84
CA PRO B 67 4.54 -2.83 -6.56
C PRO B 67 3.77 -4.11 -6.83
N LYS B 68 4.49 -5.18 -7.11
CA LYS B 68 3.88 -6.48 -7.32
C LYS B 68 3.71 -7.15 -5.95
N VAL B 69 2.47 -7.36 -5.53
CA VAL B 69 2.22 -8.02 -4.25
C VAL B 69 1.30 -9.23 -4.40
N ALA B 70 1.72 -10.36 -3.82
CA ALA B 70 0.93 -11.59 -3.87
C ALA B 70 1.26 -12.53 -2.72
N PHE B 71 0.21 -13.10 -2.12
CA PHE B 71 0.33 -14.05 -1.01
C PHE B 71 1.07 -15.30 -1.44
N THR B 72 2.10 -15.68 -0.68
CA THR B 72 2.71 -16.99 -0.86
C THR B 72 1.91 -18.01 -0.08
N THR B 73 1.36 -17.56 1.05
CA THR B 73 0.46 -18.37 1.90
C THR B 73 -0.84 -18.68 1.17
N ARG B 74 -1.43 -19.83 1.48
CA ARG B 74 -2.72 -20.22 0.93
C ARG B 74 -3.81 -19.44 1.67
N ILE B 75 -4.89 -19.10 0.97
CA ILE B 75 -5.99 -18.33 1.57
C ILE B 75 -7.32 -18.41 0.82
N TYR B 76 -8.40 -18.44 1.59
CA TYR B 76 -9.76 -18.50 1.06
C TYR B 76 -10.42 -17.11 1.11
N HIS B 77 -10.39 -16.42 -0.03
CA HIS B 77 -10.92 -15.05 -0.14
C HIS B 77 -11.29 -14.79 -1.60
N PRO B 78 -12.51 -14.25 -1.84
CA PRO B 78 -13.02 -14.08 -3.20
C PRO B 78 -12.13 -13.21 -4.06
N ASN B 79 -11.32 -12.37 -3.44
CA ASN B 79 -10.47 -11.42 -4.17
C ASN B 79 -8.98 -11.85 -4.23
N ILE B 80 -8.71 -13.10 -3.90
CA ILE B 80 -7.36 -13.66 -4.00
C ILE B 80 -7.42 -15.03 -4.67
N ASN B 81 -6.66 -15.21 -5.75
CA ASN B 81 -6.70 -16.46 -6.53
C ASN B 81 -5.85 -17.59 -5.96
N SER B 82 -6.07 -18.80 -6.46
CA SER B 82 -5.35 -20.00 -5.98
C SER B 82 -3.84 -19.92 -6.22
N ASN B 83 -3.41 -18.96 -7.03
CA ASN B 83 -1.99 -18.80 -7.33
C ASN B 83 -1.33 -17.68 -6.52
N GLY B 84 -2.13 -16.92 -5.79
CA GLY B 84 -1.62 -15.91 -4.86
C GLY B 84 -1.95 -14.46 -5.14
N SER B 85 -2.27 -14.15 -6.39
CA SER B 85 -2.54 -12.77 -6.83
C SER B 85 -3.67 -12.10 -6.06
N ILE B 86 -3.47 -10.82 -5.78
CA ILE B 86 -4.45 -10.01 -5.06
C ILE B 86 -5.25 -9.14 -6.03
N CYS B 87 -6.56 -9.04 -5.79
CA CYS B 87 -7.45 -8.20 -6.59
C CYS B 87 -7.83 -6.94 -5.82
N LEU B 88 -7.00 -5.91 -5.94
CA LEU B 88 -7.17 -4.68 -5.17
C LEU B 88 -7.02 -3.44 -6.06
N ASP B 89 -7.89 -2.45 -5.84
CA ASP B 89 -7.96 -1.27 -6.70
C ASP B 89 -6.63 -0.53 -6.86
N ILE B 90 -5.99 -0.23 -5.73
CA ILE B 90 -4.69 0.46 -5.73
C ILE B 90 -3.56 -0.33 -6.36
N LEU B 91 -3.59 -1.66 -6.20
CA LEU B 91 -2.59 -2.50 -6.83
C LEU B 91 -2.56 -2.38 -8.35
N ARG B 92 -3.68 -1.93 -8.92
CA ARG B 92 -3.82 -1.75 -10.36
C ARG B 92 -4.18 -0.31 -10.68
N SER B 93 -5.41 -0.09 -11.13
CA SER B 93 -5.84 1.20 -11.69
C SER B 93 -5.69 2.41 -10.76
N GLN B 94 -5.92 2.21 -9.48
CA GLN B 94 -6.00 3.32 -8.53
C GLN B 94 -4.70 3.69 -7.87
N TRP B 95 -3.61 3.01 -8.22
CA TRP B 95 -2.31 3.28 -7.60
C TRP B 95 -1.91 4.73 -7.73
N SER B 96 -1.24 5.23 -6.70
CA SER B 96 -0.68 6.56 -6.74
C SER B 96 0.65 6.53 -6.03
N PRO B 97 1.66 7.23 -6.58
CA PRO B 97 2.98 7.29 -5.94
C PRO B 97 2.90 7.87 -4.53
N ALA B 98 1.93 8.76 -4.33
CA ALA B 98 1.69 9.38 -3.04
C ALA B 98 1.53 8.36 -1.92
N LEU B 99 1.11 7.13 -2.27
CA LEU B 99 0.88 6.12 -1.24
C LEU B 99 1.95 5.06 -1.13
N THR B 100 2.19 4.66 0.12
CA THR B 100 3.32 3.82 0.53
C THR B 100 2.98 2.34 0.63
N ILE B 101 4.03 1.52 0.63
CA ILE B 101 3.91 0.08 0.88
C ILE B 101 3.15 -0.18 2.18
N SER B 102 3.53 0.57 3.22
CA SER B 102 2.83 0.53 4.48
C SER B 102 1.32 0.63 4.24
N LYS B 103 0.93 1.63 3.46
CA LYS B 103 -0.48 1.91 3.25
C LYS B 103 -1.20 0.80 2.49
N VAL B 104 -0.48 0.11 1.62
CA VAL B 104 -1.10 -0.95 0.85
C VAL B 104 -1.41 -2.14 1.74
N LEU B 105 -0.44 -2.53 2.57
CA LEU B 105 -0.66 -3.61 3.52
C LEU B 105 -1.95 -3.40 4.28
N LEU B 106 -2.13 -2.18 4.80
CA LEU B 106 -3.33 -1.82 5.51
C LEU B 106 -4.57 -2.14 4.72
N SER B 107 -4.63 -1.69 3.47
CA SER B 107 -5.81 -1.90 2.65
C SER B 107 -6.01 -3.39 2.35
N ILE B 108 -4.92 -4.14 2.30
CA ILE B 108 -5.03 -5.59 2.17
C ILE B 108 -5.73 -6.13 3.40
N CYS B 109 -5.24 -5.74 4.58
CA CYS B 109 -5.87 -6.12 5.82
C CYS B 109 -7.35 -5.85 5.73
N SER B 110 -7.72 -4.59 5.51
CA SER B 110 -9.13 -4.21 5.48
C SER B 110 -9.91 -4.95 4.40
N LEU B 111 -9.22 -5.36 3.34
CA LEU B 111 -9.80 -6.20 2.30
C LEU B 111 -10.14 -7.60 2.84
N LEU B 112 -9.27 -8.13 3.69
CA LEU B 112 -9.54 -9.41 4.32
C LEU B 112 -10.75 -9.32 5.24
N CYS B 113 -10.94 -8.15 5.86
CA CYS B 113 -12.07 -7.94 6.74
C CYS B 113 -13.36 -7.72 5.96
N ASP B 114 -13.22 -7.11 4.78
CA ASP B 114 -14.38 -6.81 3.93
C ASP B 114 -14.08 -7.04 2.45
N PRO B 115 -14.35 -8.26 1.95
CA PRO B 115 -14.24 -8.62 0.53
C PRO B 115 -15.22 -7.82 -0.35
N ASN B 116 -15.35 -8.21 -1.62
CA ASN B 116 -16.10 -7.41 -2.61
C ASN B 116 -17.19 -8.10 -3.44
N PRO B 117 -18.18 -7.31 -3.93
CA PRO B 117 -19.33 -7.79 -4.71
C PRO B 117 -19.16 -7.70 -6.25
N ASP B 118 -18.47 -6.68 -6.73
CA ASP B 118 -18.31 -6.41 -8.16
C ASP B 118 -16.99 -6.99 -8.67
N ASP B 119 -16.04 -7.16 -7.76
CA ASP B 119 -14.66 -7.54 -8.09
C ASP B 119 -14.32 -9.03 -8.23
N PRO B 120 -15.16 -9.94 -7.69
CA PRO B 120 -14.85 -11.37 -7.63
C PRO B 120 -13.74 -11.87 -8.54
N LEU B 121 -12.56 -12.08 -7.97
CA LEU B 121 -11.45 -12.71 -8.67
C LEU B 121 -11.77 -14.19 -8.86
N VAL B 122 -12.20 -14.83 -7.77
CA VAL B 122 -12.64 -16.22 -7.80
C VAL B 122 -14.17 -16.28 -7.62
N PRO B 123 -14.91 -16.41 -8.74
CA PRO B 123 -16.38 -16.41 -8.73
C PRO B 123 -16.94 -17.57 -7.92
N GLU B 124 -16.17 -18.65 -7.83
CA GLU B 124 -16.46 -19.80 -6.98
C GLU B 124 -16.74 -19.39 -5.54
N ILE B 125 -15.91 -18.51 -5.00
CA ILE B 125 -15.98 -18.09 -3.61
C ILE B 125 -17.01 -16.98 -3.41
N ALA B 126 -17.01 -16.01 -4.32
CA ALA B 126 -17.88 -14.85 -4.24
C ALA B 126 -19.35 -15.22 -4.02
N ARG B 127 -19.84 -16.17 -4.81
CA ARG B 127 -21.24 -16.61 -4.75
C ARG B 127 -21.64 -17.13 -3.36
N ILE B 128 -20.79 -17.95 -2.77
CA ILE B 128 -21.00 -18.48 -1.42
C ILE B 128 -21.04 -17.32 -0.42
N TYR B 129 -20.16 -16.34 -0.64
CA TYR B 129 -20.06 -15.18 0.22
C TYR B 129 -21.30 -14.30 0.14
N LYS B 130 -21.84 -14.13 -1.07
CA LYS B 130 -22.93 -13.18 -1.34
C LYS B 130 -24.04 -13.18 -0.30
N THR B 131 -24.73 -14.30 -0.13
CA THR B 131 -25.83 -14.41 0.83
C THR B 131 -25.79 -15.73 1.61
N ASP B 132 -24.58 -16.16 1.96
CA ASP B 132 -24.37 -17.35 2.78
C ASP B 132 -23.04 -17.23 3.53
N ARG B 133 -22.92 -16.18 4.34
CA ARG B 133 -21.73 -15.92 5.13
C ARG B 133 -21.44 -17.09 6.06
N GLU B 134 -22.48 -17.53 6.78
CA GLU B 134 -22.45 -18.75 7.58
C GLU B 134 -21.45 -19.74 7.01
N LYS B 135 -21.74 -20.22 5.80
CA LYS B 135 -20.91 -21.20 5.10
C LYS B 135 -19.53 -20.63 4.80
N TYR B 136 -19.51 -19.47 4.15
CA TYR B 136 -18.26 -18.81 3.77
C TYR B 136 -17.21 -18.84 4.88
N ASN B 137 -17.55 -18.25 6.01
CA ASN B 137 -16.63 -18.07 7.13
C ASN B 137 -16.07 -19.37 7.69
N ARG B 138 -16.89 -20.42 7.68
CA ARG B 138 -16.45 -21.74 8.08
C ARG B 138 -15.24 -22.17 7.22
N ILE B 139 -15.40 -22.17 5.90
CA ILE B 139 -14.31 -22.54 5.00
C ILE B 139 -13.15 -21.58 5.14
N ALA B 140 -13.46 -20.30 5.38
CA ALA B 140 -12.46 -19.27 5.57
C ALA B 140 -11.56 -19.58 6.77
N ARG B 141 -12.16 -19.79 7.94
CA ARG B 141 -11.43 -20.13 9.15
C ARG B 141 -10.78 -21.51 9.02
N GLU B 142 -11.46 -22.41 8.31
CA GLU B 142 -10.99 -23.78 8.11
C GLU B 142 -9.63 -23.78 7.43
N TRP B 143 -9.51 -22.94 6.40
CA TRP B 143 -8.27 -22.79 5.66
C TRP B 143 -7.22 -22.12 6.54
N THR B 144 -7.65 -21.13 7.31
CA THR B 144 -6.78 -20.46 8.28
C THR B 144 -6.13 -21.52 9.17
N GLN B 145 -6.96 -22.42 9.71
CA GLN B 145 -6.50 -23.55 10.49
C GLN B 145 -5.43 -24.32 9.73
N LYS B 146 -5.77 -24.77 8.53
CA LYS B 146 -4.99 -25.75 7.79
C LYS B 146 -3.67 -25.22 7.23
N TYR B 147 -3.65 -23.97 6.79
CA TYR B 147 -2.53 -23.45 6.02
C TYR B 147 -1.85 -22.25 6.66
N ALA B 148 -2.64 -21.44 7.37
CA ALA B 148 -2.16 -20.19 7.93
C ALA B 148 -1.32 -20.38 9.19
N MET B 149 -1.85 -21.09 10.17
CA MET B 149 -1.13 -21.33 11.42
C MET B 149 -0.38 -22.65 11.41
ZN ZN C . 10.11 15.10 -5.25
ZN ZN D . -4.93 17.48 -6.57
#